data_3QMD
#
_entry.id   3QMD
#
_cell.length_a   30.653
_cell.length_b   74.688
_cell.length_c   125.769
_cell.angle_alpha   90.000
_cell.angle_beta   90.000
_cell.angle_gamma   90.000
#
_symmetry.space_group_name_H-M   'C 2 2 21'
#
loop_
_entity.id
_entity.type
_entity.pdbx_description
1 polymer 'CpG-binding protein'
2 polymer "DNA (5'-D(*GP*CP*CP*AP*AP*CP*GP*AP*TP*GP*GP*C)-3')"
3 polymer "DNA (5'-D(*GP*CP*CP*AP*TP*CP*GP*TP*TP*GP*GP*C)-3')"
4 non-polymer 'ZINC ION'
5 water water
#
loop_
_entity_poly.entity_id
_entity_poly.type
_entity_poly.pdbx_seq_one_letter_code
_entity_poly.pdbx_strand_id
1 'polypeptide(L)' MHHHHHHSSRENLYFQGQIKRSARMCGECEACRRTEDCGHCDFCRDMKKFGGPNKIRQKCRLRQCQLRARESYKYFPSS A
2 'polydeoxyribonucleotide' (DG)(DC)(DC)(DA)(DA)(DC)(DG)(DA)(DT)(DG)(DG)(DC) B
3 'polydeoxyribonucleotide' (DG)(DC)(DC)(DA)(DT)(DC)(DG)(DT)(DT)(DG)(DG)(DC) C
#
loop_
_chem_comp.id
_chem_comp.type
_chem_comp.name
_chem_comp.formula
DA DNA linking 2'-DEOXYADENOSINE-5'-MONOPHOSPHATE 'C10 H14 N5 O6 P'
DC DNA linking 2'-DEOXYCYTIDINE-5'-MONOPHOSPHATE 'C9 H14 N3 O7 P'
DG DNA linking 2'-DEOXYGUANOSINE-5'-MONOPHOSPHATE 'C10 H14 N5 O7 P'
DT DNA linking THYMIDINE-5'-MONOPHOSPHATE 'C10 H15 N2 O8 P'
ZN non-polymer 'ZINC ION' 'Zn 2'
#
# COMPACT_ATOMS: atom_id res chain seq x y z
N SER A 22 -14.54 -0.94 -1.36
CA SER A 22 -14.07 -1.08 0.05
C SER A 22 -14.23 0.25 0.82
N ALA A 23 -14.25 0.15 2.15
CA ALA A 23 -14.17 1.31 3.05
C ALA A 23 -12.89 2.14 2.81
N ARG A 24 -11.80 1.46 2.48
CA ARG A 24 -10.52 2.15 2.23
C ARG A 24 -10.09 2.22 0.77
N MET A 25 -10.95 1.79 -0.15
CA MET A 25 -10.62 1.86 -1.59
C MET A 25 -11.72 2.51 -2.44
N CYS A 26 -11.37 3.61 -3.13
CA CYS A 26 -12.33 4.29 -4.01
C CYS A 26 -12.46 3.50 -5.30
N GLY A 27 -11.45 2.68 -5.59
CA GLY A 27 -11.38 1.84 -6.79
C GLY A 27 -11.15 2.61 -8.09
N GLU A 28 -10.87 3.91 -7.98
CA GLU A 28 -10.85 4.75 -9.17
C GLU A 28 -9.66 5.68 -9.29
N CYS A 29 -8.78 5.71 -8.31
CA CYS A 29 -7.64 6.61 -8.37
C CYS A 29 -6.41 5.83 -8.89
N GLU A 30 -5.30 6.55 -9.07
CA GLU A 30 -4.01 5.93 -9.50
C GLU A 30 -3.58 4.80 -8.56
N ALA A 31 -3.63 5.09 -7.25
CA ALA A 31 -3.23 4.14 -6.20
C ALA A 31 -4.05 2.86 -6.25
N CYS A 32 -5.38 3.01 -6.37
CA CYS A 32 -6.31 1.88 -6.45
C CYS A 32 -6.11 0.98 -7.69
N ARG A 33 -5.75 1.60 -8.81
CA ARG A 33 -5.54 0.87 -10.06
C ARG A 33 -4.16 0.16 -10.12
N ARG A 34 -3.23 0.55 -9.24
CA ARG A 34 -1.89 -0.01 -9.19
CA ARG A 34 -1.89 -0.02 -9.23
C ARG A 34 -1.93 -1.48 -8.78
N THR A 35 -1.25 -2.35 -9.53
CA THR A 35 -1.16 -3.77 -9.18
C THR A 35 0.21 -4.23 -8.64
N GLU A 36 1.23 -3.39 -8.80
CA GLU A 36 2.61 -3.78 -8.49
C GLU A 36 3.11 -3.03 -7.28
N ASP A 37 3.52 -3.77 -6.24
CA ASP A 37 4.14 -3.14 -5.06
C ASP A 37 5.46 -2.53 -5.47
N CYS A 38 5.75 -1.35 -4.91
CA CYS A 38 6.98 -0.64 -5.30
C CYS A 38 8.25 -1.36 -4.83
N GLY A 39 8.13 -2.14 -3.75
CA GLY A 39 9.25 -2.92 -3.23
C GLY A 39 10.24 -2.12 -2.41
N HIS A 40 10.03 -0.81 -2.30
CA HIS A 40 11.02 0.11 -1.68
C HIS A 40 10.57 0.90 -0.47
N CYS A 41 9.26 1.04 -0.26
CA CYS A 41 8.75 1.82 0.86
C CYS A 41 8.79 1.03 2.15
N ASP A 42 8.47 1.69 3.26
CA ASP A 42 8.49 1.03 4.55
C ASP A 42 7.51 -0.15 4.62
N PHE A 43 6.29 0.03 4.07
CA PHE A 43 5.29 -1.03 4.05
C PHE A 43 5.72 -2.22 3.20
N CYS A 44 6.35 -1.97 2.04
CA CYS A 44 6.86 -3.05 1.18
C CYS A 44 8.02 -3.79 1.85
N ARG A 45 8.95 -3.05 2.42
CA ARG A 45 10.12 -3.66 3.07
C ARG A 45 9.72 -4.54 4.26
N ASP A 46 8.54 -4.24 4.84
CA ASP A 46 7.97 -5.07 5.90
C ASP A 46 7.44 -6.42 5.39
N MET A 47 7.10 -6.50 4.11
CA MET A 47 6.43 -7.67 3.56
C MET A 47 7.34 -8.89 3.45
N LYS A 48 6.77 -10.07 3.73
CA LYS A 48 7.45 -11.37 3.54
C LYS A 48 8.05 -11.47 2.14
N LYS A 49 7.29 -11.07 1.12
CA LYS A 49 7.79 -11.22 -0.24
C LYS A 49 9.02 -10.33 -0.56
N PHE A 50 9.31 -9.38 0.32
CA PHE A 50 10.51 -8.54 0.22
C PHE A 50 11.51 -8.78 1.37
N GLY A 51 11.37 -9.92 2.05
CA GLY A 51 12.31 -10.33 3.08
C GLY A 51 12.06 -9.74 4.46
N GLY A 52 10.90 -9.10 4.65
CA GLY A 52 10.61 -8.38 5.87
C GLY A 52 9.95 -9.24 6.94
N PRO A 53 9.83 -8.69 8.17
CA PRO A 53 9.34 -9.48 9.30
C PRO A 53 7.79 -9.49 9.43
N ASN A 54 7.10 -8.83 8.50
CA ASN A 54 5.62 -8.80 8.53
C ASN A 54 5.06 -8.36 9.89
N LYS A 55 5.64 -7.30 10.45
CA LYS A 55 5.19 -6.76 11.74
C LYS A 55 4.26 -5.54 11.59
N ILE A 56 4.26 -4.92 10.41
CA ILE A 56 3.49 -3.68 10.15
C ILE A 56 2.18 -3.97 9.40
N ARG A 57 2.28 -4.79 8.34
CA ARG A 57 1.12 -5.36 7.65
C ARG A 57 0.16 -4.35 7.01
N GLN A 58 0.72 -3.43 6.22
CA GLN A 58 -0.09 -2.51 5.40
C GLN A 58 0.32 -2.61 3.94
N LYS A 59 -0.59 -2.22 3.05
CA LYS A 59 -0.31 -2.16 1.60
C LYS A 59 0.82 -1.17 1.28
N CYS A 60 1.50 -1.42 0.15
CA CYS A 60 2.45 -0.46 -0.44
C CYS A 60 1.93 0.99 -0.37
N ARG A 61 2.82 1.90 0.04
CA ARG A 61 2.51 3.34 0.06
C ARG A 61 1.91 3.83 -1.25
N LEU A 62 2.42 3.31 -2.37
CA LEU A 62 1.92 3.72 -3.70
C LEU A 62 0.52 3.19 -4.02
N ARG A 63 0.08 2.16 -3.30
CA ARG A 63 -1.26 1.58 -3.50
C ARG A 63 -2.28 2.02 -2.43
N GLN A 64 -1.88 2.97 -1.60
CA GLN A 64 -2.78 3.51 -0.56
C GLN A 64 -3.77 4.49 -1.23
N CYS A 65 -5.06 4.16 -1.16
CA CYS A 65 -6.07 4.99 -1.85
C CYS A 65 -5.89 6.50 -1.50
N GLN A 66 -5.74 7.34 -2.54
CA GLN A 66 -5.56 8.78 -2.35
C GLN A 66 -6.76 9.48 -1.70
N LEU A 67 -7.96 8.93 -1.92
CA LEU A 67 -9.18 9.45 -1.27
C LEU A 67 -9.46 8.87 0.13
N ARG A 68 -9.42 7.54 0.25
CA ARG A 68 -9.97 6.86 1.42
C ARG A 68 -9.00 6.29 2.46
N ALA A 69 -7.73 6.14 2.10
CA ALA A 69 -6.72 5.59 3.04
C ALA A 69 -6.49 6.53 4.24
N ARG A 70 -6.16 5.95 5.39
CA ARG A 70 -5.71 6.71 6.56
C ARG A 70 -4.58 7.66 6.12
N GLU A 71 -4.69 8.94 6.49
CA GLU A 71 -3.78 9.98 5.98
C GLU A 71 -2.31 9.62 6.21
N SER A 72 -2.04 8.97 7.34
CA SER A 72 -0.69 8.52 7.69
C SER A 72 -0.13 7.37 6.83
N TYR A 73 -0.97 6.77 5.98
CA TYR A 73 -0.52 5.63 5.13
C TYR A 73 0.01 6.03 3.75
N LYS A 74 -0.38 7.21 3.28
CA LYS A 74 0.01 7.67 1.94
C LYS A 74 1.48 8.08 1.80
ZN ZN D . -8.59 5.10 -4.64
ZN ZN E . 5.83 0.07 -1.67
#